data_7YOP
#
_entry.id   7YOP
#
_cell.length_a   106.593
_cell.length_b   106.593
_cell.length_c   128.609
_cell.angle_alpha   90.000
_cell.angle_beta   90.000
_cell.angle_gamma   90.000
#
_symmetry.space_group_name_H-M   'P 41 21 2'
#
loop_
_entity.id
_entity.type
_entity.pdbx_description
1 polymer 'Cell division protein FtsZ'
2 non-polymer 2-AMINO-2-HYDROXYMETHYL-PROPANE-1,3-DIOL
3 non-polymer "GUANOSINE-5'-DIPHOSPHATE"
4 non-polymer 'PHOSPHOAMINOPHOSPHONIC ACID-GUANYLATE ESTER'
5 water water
#
_entity_poly.entity_id   1
_entity_poly.type   'polypeptide(L)'
_entity_poly.pdbx_seq_one_letter_code
;MDNFDNYEQVASIKVIGIGGAGNNAVNRMIEAGVQGVEFIVANTDAQIISVSKSKNKIVLGKETSKGLGAGANPDVGRQA
AIESAEEIKDALKGADMVFVAAGMGGGTGTGAAPIIAKLAREQGALTVGIITTPFSFEGRARNSYAIQGTEELRKHVDSL
IIISNDRLLEVIGGVPLKDSFKEADNILRQGVQTITDLIAVPSLINLDFADIKTVMKNKGNALFGIGIGSGKDKAIEAAN
KAIISPLLEASIRGARDAIINVTGGNTLTLNDANDAVDIVKQAIGGEVNIIFGTAVNEHLDDEMIVTVIATGFDGSHHHH
HH
;
_entity_poly.pdbx_strand_id   A,B
#
loop_
_chem_comp.id
_chem_comp.type
_chem_comp.name
_chem_comp.formula
GDP RNA linking GUANOSINE-5'-DIPHOSPHATE 'C10 H15 N5 O11 P2'
GNP non-polymer 'PHOSPHOAMINOPHOSPHONIC ACID-GUANYLATE ESTER' 'C10 H17 N6 O13 P3'
TRS non-polymer 2-AMINO-2-HYDROXYMETHYL-PROPANE-1,3-DIOL 'C4 H12 N O3 1'
#
# COMPACT_ATOMS: atom_id res chain seq x y z
N VAL A 10 26.92 22.10 20.70
CA VAL A 10 25.58 21.55 20.52
C VAL A 10 25.16 21.58 19.04
N ALA A 11 25.03 20.39 18.44
CA ALA A 11 24.58 20.30 17.06
C ALA A 11 23.16 20.84 16.91
N SER A 12 22.93 21.59 15.83
CA SER A 12 21.59 22.03 15.47
C SER A 12 20.97 20.99 14.53
N ILE A 13 19.88 20.35 14.96
CA ILE A 13 19.27 19.23 14.23
C ILE A 13 17.85 19.59 13.84
N LYS A 14 17.52 19.39 12.55
CA LYS A 14 16.19 19.69 12.05
C LYS A 14 15.61 18.48 11.34
N VAL A 15 14.32 18.25 11.51
CA VAL A 15 13.58 17.28 10.71
C VAL A 15 12.56 18.05 9.89
N ILE A 16 12.56 17.84 8.58
CA ILE A 16 11.52 18.45 7.77
C ILE A 16 10.68 17.32 7.16
N GLY A 17 9.40 17.28 7.52
CA GLY A 17 8.50 16.26 7.02
C GLY A 17 7.71 16.82 5.85
N ILE A 18 7.71 16.09 4.75
CA ILE A 18 7.22 16.59 3.47
C ILE A 18 6.05 15.74 3.02
N GLY A 19 4.97 16.40 2.58
CA GLY A 19 3.80 15.68 2.12
C GLY A 19 3.06 15.04 3.28
N GLY A 20 1.98 14.34 2.93
CA GLY A 20 1.10 13.80 3.97
C GLY A 20 1.83 12.88 4.94
N ALA A 21 2.53 11.88 4.42
CA ALA A 21 3.22 10.93 5.30
C ALA A 21 4.25 11.64 6.18
N GLY A 22 5.07 12.52 5.59
CA GLY A 22 6.06 13.24 6.37
C GLY A 22 5.44 14.14 7.43
N ASN A 23 4.30 14.75 7.11
CA ASN A 23 3.60 15.58 8.08
C ASN A 23 3.11 14.75 9.26
N ASN A 24 2.57 13.56 8.97
CA ASN A 24 2.12 12.71 10.08
C ASN A 24 3.29 12.12 10.86
N ALA A 25 4.40 11.80 10.20
CA ALA A 25 5.56 11.30 10.94
C ALA A 25 6.06 12.35 11.92
N VAL A 26 6.16 13.60 11.47
CA VAL A 26 6.59 14.67 12.35
C VAL A 26 5.61 14.85 13.52
N ASN A 27 4.29 14.75 13.28
CA ASN A 27 3.33 14.77 14.39
C ASN A 27 3.65 13.66 15.39
N ARG A 28 3.95 12.46 14.90
CA ARG A 28 4.31 11.35 15.78
C ARG A 28 5.57 11.66 16.59
N MET A 29 6.58 12.28 15.96
CA MET A 29 7.81 12.62 16.68
C MET A 29 7.53 13.63 17.78
N ILE A 30 6.69 14.62 17.50
CA ILE A 30 6.31 15.58 18.53
C ILE A 30 5.57 14.88 19.66
N GLU A 31 4.61 14.04 19.34
CA GLU A 31 3.82 13.47 20.42
C GLU A 31 4.62 12.44 21.20
N ALA A 32 5.63 11.82 20.59
CA ALA A 32 6.51 10.92 21.32
C ALA A 32 7.54 11.68 22.15
N GLY A 33 7.59 13.00 22.04
CA GLY A 33 8.56 13.72 22.85
C GLY A 33 10.01 13.59 22.41
N VAL A 34 10.25 13.44 21.10
CA VAL A 34 11.63 13.43 20.60
C VAL A 34 12.31 14.75 20.97
N GLN A 35 13.48 14.68 21.57
CA GLN A 35 14.15 15.86 22.12
C GLN A 35 15.36 16.27 21.29
N GLY A 36 15.73 17.54 21.42
CA GLY A 36 16.94 18.06 20.83
C GLY A 36 16.79 18.46 19.39
N VAL A 37 15.57 18.44 18.85
CA VAL A 37 15.36 18.52 17.40
C VAL A 37 14.32 19.59 17.10
N GLU A 38 14.56 20.35 16.06
CA GLU A 38 13.56 21.27 15.52
C GLU A 38 12.75 20.61 14.39
N PHE A 39 11.43 20.81 14.42
CA PHE A 39 10.50 20.18 13.48
C PHE A 39 9.93 21.19 12.51
N ILE A 40 9.90 20.81 11.23
CA ILE A 40 9.33 21.61 10.16
C ILE A 40 8.43 20.71 9.34
N VAL A 41 7.29 21.22 8.89
CA VAL A 41 6.48 20.46 7.94
C VAL A 41 6.30 21.31 6.69
N ALA A 42 6.29 20.66 5.52
CA ALA A 42 6.07 21.30 4.24
C ALA A 42 5.04 20.47 3.46
N ASN A 43 4.06 21.14 2.85
CA ASN A 43 3.09 20.42 2.01
C ASN A 43 2.56 21.41 0.99
N THR A 44 2.12 20.90 -0.15
CA THR A 44 1.34 21.70 -1.08
C THR A 44 -0.13 21.81 -0.66
N ASP A 45 -0.55 20.94 0.25
CA ASP A 45 -1.94 20.85 0.72
C ASP A 45 -2.04 21.57 2.06
N ALA A 46 -2.63 22.77 2.07
CA ALA A 46 -2.71 23.56 3.29
C ALA A 46 -3.59 22.94 4.37
N GLN A 47 -4.50 22.02 4.00
CA GLN A 47 -5.35 21.37 4.99
C GLN A 47 -4.53 20.51 5.95
N ILE A 48 -3.69 19.63 5.41
CA ILE A 48 -2.81 18.83 6.25
C ILE A 48 -1.96 19.74 7.11
N ILE A 49 -1.43 20.82 6.53
CA ILE A 49 -0.58 21.73 7.27
C ILE A 49 -1.34 22.30 8.47
N SER A 50 -2.66 22.49 8.33
CA SER A 50 -3.41 23.25 9.33
C SER A 50 -3.62 22.46 10.61
N VAL A 51 -3.63 21.13 10.55
CA VAL A 51 -3.73 20.33 11.75
C VAL A 51 -2.37 19.82 12.24
N SER A 52 -1.27 20.44 11.79
CA SER A 52 0.06 19.99 12.23
C SER A 52 0.35 20.47 13.64
N LYS A 53 1.04 19.63 14.41
CA LYS A 53 1.54 20.05 15.71
C LYS A 53 2.86 20.82 15.62
N SER A 54 3.46 20.91 14.44
CA SER A 54 4.72 21.64 14.30
C SER A 54 4.49 23.16 14.27
N LYS A 55 5.43 23.90 14.87
CA LYS A 55 5.42 25.36 14.85
C LYS A 55 6.01 25.95 13.58
N ASN A 56 6.65 25.16 12.73
CA ASN A 56 7.28 25.67 11.52
C ASN A 56 6.61 25.01 10.32
N LYS A 57 5.77 25.78 9.63
CA LYS A 57 4.92 25.25 8.58
C LYS A 57 5.25 25.96 7.28
N ILE A 58 5.44 25.19 6.21
CA ILE A 58 5.71 25.76 4.90
C ILE A 58 4.66 25.20 3.95
N VAL A 59 3.91 26.09 3.32
CA VAL A 59 3.03 25.72 2.22
C VAL A 59 3.84 25.84 0.94
N LEU A 60 4.14 24.69 0.33
CA LEU A 60 4.92 24.71 -0.92
C LEU A 60 4.06 25.15 -2.09
N GLY A 61 4.65 25.96 -2.97
CA GLY A 61 3.97 26.35 -4.19
C GLY A 61 2.75 27.21 -3.92
N LYS A 62 2.87 28.15 -2.96
CA LYS A 62 1.73 28.97 -2.52
C LYS A 62 1.14 29.78 -3.66
N GLU A 63 1.98 30.24 -4.60
CA GLU A 63 1.52 31.08 -5.68
C GLU A 63 0.85 30.31 -6.80
N THR A 64 1.28 29.06 -7.06
CA THR A 64 0.74 28.30 -8.18
C THR A 64 -0.31 27.28 -7.72
N SER A 65 0.01 26.49 -6.70
CA SER A 65 -0.92 25.48 -6.18
C SER A 65 -1.83 26.05 -5.12
N LYS A 66 -1.43 27.15 -4.48
CA LYS A 66 -2.33 27.94 -3.64
C LYS A 66 -2.85 27.15 -2.45
N GLY A 67 -2.05 26.19 -1.98
CA GLY A 67 -2.45 25.42 -0.83
C GLY A 67 -3.50 24.37 -1.13
N LEU A 68 -3.88 24.21 -2.40
CA LEU A 68 -4.91 23.24 -2.78
C LEU A 68 -4.35 21.83 -3.02
N GLY A 69 -3.04 21.63 -3.02
CA GLY A 69 -2.46 20.32 -3.19
C GLY A 69 -1.91 20.12 -4.59
N ALA A 70 -0.97 19.18 -4.72
CA ALA A 70 -0.35 18.88 -6.00
C ALA A 70 -1.09 17.80 -6.78
N GLY A 71 -1.90 16.97 -6.11
CA GLY A 71 -2.43 15.81 -6.77
C GLY A 71 -1.40 14.71 -6.88
N ALA A 72 -1.57 13.86 -7.90
CA ALA A 72 -0.83 12.62 -8.02
C ALA A 72 0.55 12.76 -8.65
N ASN A 73 0.87 13.90 -9.28
CA ASN A 73 2.01 13.96 -10.22
C ASN A 73 3.22 14.58 -9.54
N PRO A 74 4.34 13.86 -9.45
CA PRO A 74 5.51 14.40 -8.73
C PRO A 74 6.06 15.67 -9.32
N ASP A 75 5.80 15.94 -10.61
CA ASP A 75 6.31 17.15 -11.25
C ASP A 75 5.75 18.38 -10.58
N VAL A 76 4.53 18.28 -10.06
CA VAL A 76 3.96 19.45 -9.41
C VAL A 76 4.59 19.67 -8.04
N GLY A 77 4.82 18.59 -7.28
CA GLY A 77 5.50 18.75 -6.01
C GLY A 77 6.90 19.28 -6.20
N ARG A 78 7.58 18.81 -7.25
CA ARG A 78 8.92 19.32 -7.56
C ARG A 78 8.89 20.83 -7.84
N GLN A 79 7.97 21.27 -8.72
CA GLN A 79 7.88 22.69 -9.07
C GLN A 79 7.45 23.53 -7.87
N ALA A 80 6.53 23.02 -7.05
CA ALA A 80 6.19 23.72 -5.82
C ALA A 80 7.40 23.93 -4.90
N ALA A 81 8.28 22.95 -4.77
CA ALA A 81 9.41 23.14 -3.87
C ALA A 81 10.40 24.14 -4.44
N ILE A 82 10.65 24.07 -5.75
CA ILE A 82 11.51 25.06 -6.40
C ILE A 82 10.95 26.47 -6.18
N GLU A 83 9.64 26.64 -6.34
CA GLU A 83 9.08 27.97 -6.10
C GLU A 83 9.31 28.43 -4.67
N SER A 84 9.24 27.51 -3.69
CA SER A 84 9.41 27.88 -2.29
C SER A 84 10.87 27.80 -1.81
N ALA A 85 11.83 27.74 -2.73
CA ALA A 85 13.22 27.48 -2.34
C ALA A 85 13.70 28.42 -1.24
N GLU A 86 13.38 29.73 -1.33
CA GLU A 86 13.97 30.65 -0.36
C GLU A 86 13.36 30.49 1.02
N GLU A 87 12.07 30.21 1.08
CA GLU A 87 11.47 29.91 2.37
C GLU A 87 12.05 28.63 2.97
N ILE A 88 12.33 27.62 2.13
CA ILE A 88 12.92 26.40 2.66
C ILE A 88 14.32 26.67 3.22
N LYS A 89 15.14 27.42 2.48
CA LYS A 89 16.49 27.73 2.96
C LYS A 89 16.46 28.49 4.27
N ASP A 90 15.49 29.42 4.41
CA ASP A 90 15.35 30.18 5.67
C ASP A 90 14.99 29.28 6.84
N ALA A 91 14.10 28.32 6.62
CA ALA A 91 13.69 27.44 7.70
C ALA A 91 14.84 26.52 8.13
N LEU A 92 15.68 26.11 7.19
CA LEU A 92 16.73 25.15 7.50
C LEU A 92 18.05 25.80 7.87
N LYS A 93 18.17 27.12 7.69
CA LYS A 93 19.43 27.81 7.89
C LYS A 93 20.01 27.55 9.27
N GLY A 94 21.32 27.29 9.31
CA GLY A 94 22.00 27.01 10.57
C GLY A 94 22.01 25.54 10.99
N ALA A 95 21.32 24.65 10.28
CA ALA A 95 21.30 23.23 10.66
C ALA A 95 22.68 22.58 10.51
N ASP A 96 23.10 21.84 11.54
CA ASP A 96 24.21 20.91 11.28
C ASP A 96 23.75 19.63 10.59
N MET A 97 22.52 19.19 10.86
CA MET A 97 22.00 17.93 10.35
C MET A 97 20.51 18.10 10.02
N VAL A 98 20.10 17.62 8.85
CA VAL A 98 18.72 17.71 8.43
C VAL A 98 18.23 16.31 8.05
N PHE A 99 17.13 15.88 8.66
CA PHE A 99 16.43 14.69 8.20
C PHE A 99 15.30 15.10 7.25
N VAL A 100 15.24 14.48 6.07
CA VAL A 100 14.16 14.74 5.12
C VAL A 100 13.26 13.52 5.17
N ALA A 101 12.05 13.69 5.73
CA ALA A 101 11.11 12.60 5.93
C ALA A 101 9.95 12.67 4.94
N ALA A 102 9.61 11.55 4.31
CA ALA A 102 8.51 11.59 3.33
C ALA A 102 8.09 10.17 2.96
N GLY A 103 6.85 10.05 2.47
CA GLY A 103 6.39 8.79 1.88
C GLY A 103 6.44 8.91 0.36
N MET A 104 7.11 7.97 -0.29
CA MET A 104 7.14 7.96 -1.74
C MET A 104 5.82 7.42 -2.27
N GLY A 105 5.43 7.91 -3.44
CA GLY A 105 4.20 7.43 -4.06
C GLY A 105 3.25 8.50 -4.56
N GLY A 106 3.23 9.68 -3.92
CA GLY A 106 2.31 10.74 -4.26
C GLY A 106 2.98 11.89 -5.00
N GLY A 107 2.21 12.95 -5.21
CA GLY A 107 2.72 14.09 -5.96
C GLY A 107 3.67 14.99 -5.20
N THR A 108 3.51 15.10 -3.87
CA THR A 108 4.27 16.10 -3.12
C THR A 108 5.56 15.54 -2.51
N GLY A 109 5.46 14.49 -1.70
CA GLY A 109 6.66 13.91 -1.14
C GLY A 109 7.61 13.44 -2.22
N THR A 110 7.08 12.71 -3.22
CA THR A 110 7.93 12.16 -4.27
C THR A 110 8.72 13.26 -4.98
N GLY A 111 8.06 14.38 -5.32
CA GLY A 111 8.70 15.40 -6.12
C GLY A 111 9.42 16.48 -5.33
N ALA A 112 8.91 16.81 -4.15
CA ALA A 112 9.52 17.88 -3.35
C ALA A 112 10.71 17.42 -2.53
N ALA A 113 10.73 16.16 -2.06
CA ALA A 113 11.81 15.77 -1.14
C ALA A 113 13.21 15.89 -1.75
N PRO A 114 13.43 15.54 -3.03
CA PRO A 114 14.80 15.71 -3.60
C PRO A 114 15.25 17.15 -3.68
N ILE A 115 14.33 18.07 -3.99
CA ILE A 115 14.67 19.51 -4.02
C ILE A 115 15.06 19.99 -2.64
N ILE A 116 14.27 19.60 -1.63
CA ILE A 116 14.57 20.06 -0.28
C ILE A 116 15.87 19.44 0.24
N ALA A 117 16.13 18.16 -0.11
CA ALA A 117 17.43 17.55 0.24
C ALA A 117 18.59 18.34 -0.37
N LYS A 118 18.49 18.65 -1.65
CA LYS A 118 19.55 19.40 -2.32
C LYS A 118 19.80 20.75 -1.64
N LEU A 119 18.73 21.50 -1.35
CA LEU A 119 18.91 22.79 -0.66
C LEU A 119 19.54 22.61 0.70
N ALA A 120 19.11 21.61 1.47
CA ALA A 120 19.68 21.41 2.80
C ALA A 120 21.18 21.14 2.73
N ARG A 121 21.57 20.20 1.86
CA ARG A 121 22.97 19.79 1.68
C ARG A 121 23.82 20.93 1.15
N GLU A 122 23.35 21.67 0.15
CA GLU A 122 24.11 22.83 -0.33
C GLU A 122 24.34 23.87 0.78
N GLN A 123 23.43 23.98 1.75
CA GLN A 123 23.70 24.86 2.88
C GLN A 123 24.81 24.33 3.79
N GLY A 124 25.20 23.06 3.65
CA GLY A 124 26.26 22.51 4.48
C GLY A 124 25.81 21.47 5.49
N ALA A 125 24.51 21.17 5.57
CA ALA A 125 24.03 20.23 6.57
C ALA A 125 24.33 18.80 6.12
N LEU A 126 24.63 17.95 7.08
CA LEU A 126 24.55 16.51 6.85
C LEU A 126 23.09 16.15 6.66
N THR A 127 22.76 15.55 5.52
CA THR A 127 21.37 15.44 5.07
C THR A 127 21.00 13.96 4.99
N VAL A 128 20.05 13.53 5.81
CA VAL A 128 19.67 12.13 5.82
C VAL A 128 18.25 12.03 5.32
N GLY A 129 18.03 11.24 4.27
CA GLY A 129 16.68 10.96 3.83
C GLY A 129 16.17 9.75 4.58
N ILE A 130 14.91 9.83 5.00
CA ILE A 130 14.24 8.67 5.59
C ILE A 130 12.81 8.59 5.04
N ILE A 131 12.53 7.56 4.23
CA ILE A 131 11.31 7.52 3.43
C ILE A 131 10.67 6.16 3.57
N THR A 132 9.38 6.11 3.22
CA THR A 132 8.67 4.84 3.02
C THR A 132 8.42 4.63 1.53
N THR A 133 8.29 3.35 1.14
CA THR A 133 7.83 3.05 -0.21
C THR A 133 6.44 2.41 -0.13
N PRO A 134 5.62 2.54 -1.17
CA PRO A 134 4.19 2.24 -1.02
C PRO A 134 3.93 0.73 -0.99
N PHE A 135 2.72 0.40 -0.57
CA PHE A 135 2.27 -0.98 -0.66
C PHE A 135 2.22 -1.43 -2.12
N SER A 136 2.48 -2.73 -2.34
CA SER A 136 2.34 -3.26 -3.70
C SER A 136 0.95 -2.95 -4.25
N PHE A 137 -0.09 -3.03 -3.39
CA PHE A 137 -1.47 -2.88 -3.84
C PHE A 137 -1.90 -1.41 -4.04
N GLU A 138 -1.01 -0.45 -3.80
CA GLU A 138 -1.30 0.89 -4.30
C GLU A 138 -1.12 0.97 -5.80
N GLY A 139 -0.58 -0.07 -6.41
CA GLY A 139 -0.57 -0.21 -7.85
C GLY A 139 0.74 0.24 -8.46
N ARG A 140 0.87 -0.09 -9.75
CA ARG A 140 2.14 0.06 -10.45
C ARG A 140 2.48 1.53 -10.66
N ALA A 141 1.49 2.37 -10.92
CA ALA A 141 1.80 3.77 -11.18
C ALA A 141 2.42 4.47 -9.94
N ARG A 142 1.85 4.28 -8.76
CA ARG A 142 2.41 4.95 -7.59
C ARG A 142 3.75 4.32 -7.20
N ASN A 143 3.90 3.00 -7.40
CA ASN A 143 5.16 2.34 -7.10
C ASN A 143 6.25 2.74 -8.07
N SER A 144 5.87 3.02 -9.30
CA SER A 144 6.81 3.49 -10.30
C SER A 144 7.26 4.92 -10.01
N TYR A 145 6.34 5.79 -9.58
CA TYR A 145 6.76 7.11 -9.11
C TYR A 145 7.72 7.00 -7.91
N ALA A 146 7.39 6.15 -6.94
CA ALA A 146 8.23 5.96 -5.78
C ALA A 146 9.67 5.59 -6.18
N ILE A 147 9.80 4.65 -7.13
CA ILE A 147 11.11 4.23 -7.60
C ILE A 147 11.90 5.40 -8.14
N GLN A 148 11.25 6.21 -8.99
CA GLN A 148 11.95 7.36 -9.56
C GLN A 148 12.27 8.43 -8.51
N GLY A 149 11.36 8.66 -7.55
CA GLY A 149 11.64 9.66 -6.52
C GLY A 149 12.72 9.21 -5.55
N THR A 150 12.79 7.92 -5.28
CA THR A 150 13.83 7.34 -4.45
C THR A 150 15.21 7.56 -5.07
N GLU A 151 15.33 7.30 -6.37
CA GLU A 151 16.61 7.53 -7.04
C GLU A 151 16.97 9.00 -7.00
N GLU A 152 16.01 9.90 -7.28
CA GLU A 152 16.34 11.33 -7.28
C GLU A 152 16.72 11.81 -5.89
N LEU A 153 16.07 11.29 -4.85
CA LEU A 153 16.44 11.67 -3.48
C LEU A 153 17.83 11.15 -3.13
N ARG A 154 18.10 9.89 -3.43
CA ARG A 154 19.41 9.30 -3.21
C ARG A 154 20.54 10.17 -3.78
N LYS A 155 20.30 10.78 -4.94
CA LYS A 155 21.31 11.67 -5.53
C LYS A 155 21.67 12.80 -4.59
N HIS A 156 20.73 13.26 -3.78
CA HIS A 156 20.89 14.51 -3.10
C HIS A 156 21.05 14.38 -1.60
N VAL A 157 20.91 13.19 -1.03
CA VAL A 157 21.12 13.04 0.42
C VAL A 157 22.50 12.41 0.65
N ASP A 158 23.04 12.64 1.84
CA ASP A 158 24.26 11.93 2.25
C ASP A 158 24.02 10.43 2.42
N SER A 159 22.95 10.06 3.13
CA SER A 159 22.54 8.68 3.39
C SER A 159 21.04 8.59 3.22
N LEU A 160 20.55 7.44 2.75
CA LEU A 160 19.11 7.25 2.50
C LEU A 160 18.63 5.99 3.21
N ILE A 161 17.67 6.13 4.10
CA ILE A 161 17.03 5.00 4.75
C ILE A 161 15.68 4.80 4.08
N ILE A 162 15.41 3.57 3.65
CA ILE A 162 14.18 3.20 2.95
C ILE A 162 13.45 2.15 3.78
N ILE A 163 12.20 2.45 4.11
CA ILE A 163 11.36 1.56 4.89
C ILE A 163 10.20 1.12 3.99
N SER A 164 10.11 -0.19 3.74
CA SER A 164 9.08 -0.75 2.85
C SER A 164 7.77 -0.97 3.62
N ASN A 165 6.68 -0.34 3.18
CA ASN A 165 5.39 -0.69 3.79
C ASN A 165 5.01 -2.16 3.58
N ASP A 166 5.42 -2.78 2.45
CA ASP A 166 5.14 -4.21 2.28
C ASP A 166 5.78 -5.03 3.41
N ARG A 167 7.07 -4.80 3.66
CA ARG A 167 7.78 -5.58 4.67
C ARG A 167 7.37 -5.17 6.08
N LEU A 168 6.96 -3.92 6.27
CA LEU A 168 6.63 -3.48 7.61
C LEU A 168 5.44 -4.24 8.15
N LEU A 169 4.64 -4.82 7.26
CA LEU A 169 3.53 -5.67 7.67
C LEU A 169 4.02 -6.91 8.41
N GLU A 170 5.04 -7.58 7.84
CA GLU A 170 5.55 -8.82 8.42
C GLU A 170 6.24 -8.60 9.75
N VAL A 171 6.38 -7.36 10.22
CA VAL A 171 6.81 -7.12 11.59
C VAL A 171 5.56 -6.90 12.45
N ASP A 185 -1.38 -11.12 -3.45
CA ASP A 185 -2.44 -10.36 -2.78
C ASP A 185 -3.14 -9.41 -3.77
N ASN A 186 -4.23 -9.87 -4.38
CA ASN A 186 -4.92 -9.02 -5.36
C ASN A 186 -6.41 -9.23 -5.21
N ILE A 187 -7.12 -8.12 -4.92
CA ILE A 187 -8.52 -8.18 -4.51
C ILE A 187 -9.46 -8.33 -5.71
N LEU A 188 -9.16 -7.67 -6.82
CA LEU A 188 -9.95 -7.90 -8.02
C LEU A 188 -9.91 -9.37 -8.46
N ARG A 189 -8.79 -10.07 -8.25
CA ARG A 189 -8.76 -11.50 -8.53
C ARG A 189 -9.74 -12.26 -7.62
N GLN A 190 -9.66 -12.02 -6.31
CA GLN A 190 -10.54 -12.74 -5.39
C GLN A 190 -12.02 -12.54 -5.74
N GLY A 191 -12.41 -11.32 -6.13
CA GLY A 191 -13.79 -11.06 -6.47
C GLY A 191 -14.27 -11.87 -7.66
N VAL A 192 -13.47 -11.92 -8.73
CA VAL A 192 -13.84 -12.70 -9.91
C VAL A 192 -13.93 -14.19 -9.55
N GLN A 193 -12.82 -14.74 -9.07
CA GLN A 193 -12.72 -16.17 -8.78
C GLN A 193 -13.81 -16.66 -7.84
N THR A 194 -14.34 -15.78 -6.99
CA THR A 194 -15.42 -16.18 -6.08
C THR A 194 -16.60 -16.73 -6.86
N ILE A 195 -16.94 -16.11 -7.99
CA ILE A 195 -18.06 -16.53 -8.81
C ILE A 195 -17.65 -17.60 -9.82
N THR A 196 -16.46 -17.48 -10.43
CA THR A 196 -16.15 -18.34 -11.58
C THR A 196 -15.84 -19.77 -11.16
N ASP A 197 -15.18 -19.97 -10.00
CA ASP A 197 -14.87 -21.33 -9.58
C ASP A 197 -16.14 -22.15 -9.41
N LEU A 198 -17.21 -21.51 -8.93
CA LEU A 198 -18.48 -22.20 -8.77
C LEU A 198 -19.06 -22.66 -10.10
N ILE A 199 -18.72 -22.01 -11.21
CA ILE A 199 -19.23 -22.41 -12.53
C ILE A 199 -18.24 -23.29 -13.28
N ALA A 200 -16.95 -22.92 -13.28
CA ALA A 200 -16.02 -23.49 -14.24
C ALA A 200 -15.09 -24.54 -13.63
N VAL A 201 -14.96 -24.59 -12.32
CA VAL A 201 -14.12 -25.57 -11.66
C VAL A 201 -15.03 -26.48 -10.83
N PRO A 202 -15.25 -27.72 -11.26
CA PRO A 202 -16.13 -28.61 -10.50
C PRO A 202 -15.47 -29.05 -9.20
N SER A 203 -16.23 -28.99 -8.11
CA SER A 203 -15.77 -29.39 -6.79
C SER A 203 -16.91 -30.06 -6.04
N LEU A 204 -16.88 -29.98 -4.71
CA LEU A 204 -17.89 -30.64 -3.91
C LEU A 204 -19.29 -30.16 -4.29
N ILE A 205 -19.47 -28.84 -4.39
CA ILE A 205 -20.72 -28.27 -4.87
C ILE A 205 -20.42 -27.22 -5.92
N ASN A 206 -21.23 -27.19 -6.98
CA ASN A 206 -21.08 -26.25 -8.07
C ASN A 206 -22.43 -25.65 -8.44
N LEU A 207 -22.39 -24.53 -9.15
CA LEU A 207 -23.58 -23.80 -9.57
C LEU A 207 -23.66 -23.74 -11.09
N ASP A 208 -24.89 -23.62 -11.60
CA ASP A 208 -25.11 -23.40 -13.03
C ASP A 208 -24.96 -21.93 -13.35
N PHE A 209 -24.55 -21.63 -14.59
CA PHE A 209 -24.49 -20.23 -14.98
C PHE A 209 -25.86 -19.56 -14.85
N ALA A 210 -26.94 -20.28 -15.16
CA ALA A 210 -28.25 -19.66 -15.05
C ALA A 210 -28.59 -19.29 -13.60
N ASP A 211 -27.97 -19.93 -12.62
CA ASP A 211 -28.19 -19.54 -11.22
C ASP A 211 -27.51 -18.22 -10.91
N ILE A 212 -26.26 -18.06 -11.35
CA ILE A 212 -25.57 -16.78 -11.18
C ILE A 212 -26.37 -15.66 -11.86
N LYS A 213 -26.91 -15.93 -13.04
CA LYS A 213 -27.61 -14.90 -13.79
C LYS A 213 -28.83 -14.38 -13.04
N THR A 214 -29.61 -15.26 -12.42
CA THR A 214 -30.79 -14.73 -11.71
C THR A 214 -30.35 -13.84 -10.55
N VAL A 215 -29.22 -14.16 -9.93
CA VAL A 215 -28.71 -13.36 -8.81
C VAL A 215 -28.17 -12.00 -9.28
N MET A 216 -27.54 -11.95 -10.46
CA MET A 216 -26.76 -10.78 -10.83
C MET A 216 -27.30 -10.00 -12.02
N LYS A 217 -28.23 -10.55 -12.80
CA LYS A 217 -28.75 -9.81 -13.94
C LYS A 217 -29.61 -8.63 -13.47
N ASN A 218 -29.30 -7.44 -14.00
CA ASN A 218 -30.06 -6.22 -13.76
C ASN A 218 -30.29 -5.97 -12.27
N LYS A 219 -29.19 -5.87 -11.51
CA LYS A 219 -29.27 -5.77 -10.06
C LYS A 219 -28.63 -4.52 -9.46
N GLY A 220 -27.77 -3.81 -10.17
CA GLY A 220 -27.06 -2.68 -9.55
C GLY A 220 -25.98 -3.13 -8.57
N ASN A 221 -26.01 -2.58 -7.36
CA ASN A 221 -24.91 -2.74 -6.41
C ASN A 221 -24.88 -4.16 -5.85
N ALA A 222 -23.68 -4.75 -5.84
CA ALA A 222 -23.47 -6.08 -5.28
C ALA A 222 -22.45 -5.96 -4.16
N LEU A 223 -22.78 -6.50 -3.00
CA LEU A 223 -21.91 -6.36 -1.82
C LEU A 223 -20.95 -7.52 -1.76
N PHE A 224 -19.69 -7.22 -1.44
CA PHE A 224 -18.63 -8.21 -1.37
C PHE A 224 -18.08 -8.30 0.05
N GLY A 225 -18.10 -9.49 0.62
CA GLY A 225 -17.52 -9.72 1.93
C GLY A 225 -16.67 -10.96 1.91
N ILE A 226 -15.62 -10.95 2.74
CA ILE A 226 -14.73 -12.11 2.87
C ILE A 226 -14.28 -12.27 4.32
N GLY A 227 -14.25 -13.52 4.79
CA GLY A 227 -13.78 -13.84 6.13
C GLY A 227 -13.13 -15.20 6.12
N ILE A 228 -12.30 -15.45 7.13
CA ILE A 228 -11.46 -16.65 7.14
C ILE A 228 -11.37 -17.22 8.55
N GLY A 229 -11.56 -18.54 8.67
CA GLY A 229 -11.53 -19.20 9.96
C GLY A 229 -10.40 -20.22 10.13
N SER A 230 -9.51 -19.97 11.09
CA SER A 230 -8.41 -20.88 11.37
C SER A 230 -8.84 -21.87 12.44
N GLY A 231 -8.64 -23.16 12.16
CA GLY A 231 -8.93 -24.20 13.12
C GLY A 231 -10.34 -24.75 12.99
N LYS A 232 -10.60 -25.80 13.77
CA LYS A 232 -11.75 -26.68 13.57
C LYS A 232 -13.05 -25.90 13.38
N ASP A 233 -13.42 -25.07 14.35
CA ASP A 233 -14.66 -24.32 14.25
C ASP A 233 -14.60 -23.24 13.18
N LYS A 234 -13.61 -23.36 12.27
CA LYS A 234 -13.37 -22.37 11.22
C LYS A 234 -14.66 -21.97 10.51
N ALA A 235 -15.45 -22.95 10.09
CA ALA A 235 -16.65 -22.66 9.31
C ALA A 235 -17.57 -21.65 10.00
N ILE A 236 -17.58 -21.63 11.33
CA ILE A 236 -18.37 -20.61 12.02
C ILE A 236 -17.59 -19.30 12.13
N GLU A 237 -16.27 -19.40 12.35
CA GLU A 237 -15.42 -18.22 12.44
C GLU A 237 -15.35 -17.48 11.09
N ALA A 238 -14.94 -18.19 10.04
CA ALA A 238 -14.87 -17.58 8.72
C ALA A 238 -16.21 -16.97 8.30
N ALA A 239 -17.28 -17.74 8.44
CA ALA A 239 -18.59 -17.25 8.04
C ALA A 239 -18.99 -16.00 8.84
N ASN A 240 -18.51 -15.87 10.08
CA ASN A 240 -18.88 -14.72 10.89
C ASN A 240 -18.05 -13.48 10.56
N LYS A 241 -16.74 -13.65 10.30
CA LYS A 241 -15.94 -12.55 9.81
C LYS A 241 -16.46 -12.03 8.48
N ALA A 242 -16.89 -12.92 7.58
CA ALA A 242 -17.35 -12.50 6.27
C ALA A 242 -18.51 -11.53 6.37
N ILE A 243 -19.47 -11.83 7.25
CA ILE A 243 -20.70 -11.06 7.34
C ILE A 243 -20.47 -9.62 7.78
N ILE A 244 -19.32 -9.34 8.40
CA ILE A 244 -18.98 -8.01 8.87
C ILE A 244 -17.67 -7.51 8.29
N SER A 245 -17.16 -8.17 7.25
CA SER A 245 -15.97 -7.70 6.56
C SER A 245 -16.09 -6.20 6.27
N PRO A 246 -15.06 -5.41 6.57
CA PRO A 246 -15.10 -3.98 6.20
C PRO A 246 -15.32 -3.74 4.70
N LEU A 247 -15.02 -4.72 3.85
CA LEU A 247 -15.28 -4.52 2.43
C LEU A 247 -16.76 -4.36 2.13
N LEU A 248 -17.63 -4.83 3.02
CA LEU A 248 -19.06 -4.73 2.79
C LEU A 248 -19.51 -3.28 2.73
N GLU A 249 -19.99 -2.88 1.55
CA GLU A 249 -20.33 -1.49 1.29
C GLU A 249 -21.54 -1.04 2.11
N ALA A 250 -22.48 -1.94 2.33
CA ALA A 250 -23.59 -1.74 3.26
C ALA A 250 -23.75 -3.03 4.04
N SER A 251 -24.82 -3.14 4.80
CA SER A 251 -25.10 -4.39 5.47
C SER A 251 -25.75 -5.34 4.49
N ILE A 252 -25.45 -6.64 4.65
CA ILE A 252 -26.12 -7.64 3.83
C ILE A 252 -27.54 -7.93 4.28
N ARG A 253 -27.99 -7.35 5.40
CA ARG A 253 -29.29 -7.69 5.96
C ARG A 253 -30.41 -7.29 5.01
N GLY A 254 -31.26 -8.27 4.68
CA GLY A 254 -32.40 -8.06 3.80
C GLY A 254 -32.14 -8.26 2.32
N ALA A 255 -31.01 -8.85 1.94
CA ALA A 255 -30.68 -9.04 0.54
C ALA A 255 -31.62 -10.04 -0.12
N ARG A 256 -32.14 -9.69 -1.30
CA ARG A 256 -33.07 -10.59 -1.99
C ARG A 256 -32.38 -11.88 -2.41
N ASP A 257 -31.13 -11.79 -2.88
CA ASP A 257 -30.37 -12.94 -3.35
C ASP A 257 -28.92 -12.78 -2.91
N ALA A 258 -28.19 -13.90 -2.90
CA ALA A 258 -26.80 -13.89 -2.49
C ALA A 258 -26.10 -15.15 -2.99
N ILE A 259 -24.80 -15.02 -3.25
CA ILE A 259 -23.93 -16.12 -3.61
C ILE A 259 -22.90 -16.29 -2.50
N ILE A 260 -22.61 -17.54 -2.13
CA ILE A 260 -21.59 -17.82 -1.12
C ILE A 260 -20.57 -18.78 -1.72
N ASN A 261 -19.29 -18.48 -1.51
CA ASN A 261 -18.19 -19.34 -1.93
C ASN A 261 -17.44 -19.81 -0.69
N VAL A 262 -17.48 -21.12 -0.43
CA VAL A 262 -16.73 -21.72 0.66
C VAL A 262 -15.50 -22.40 0.08
N THR A 263 -14.33 -21.81 0.32
CA THR A 263 -13.06 -22.30 -0.19
C THR A 263 -12.28 -22.95 0.95
N GLY A 264 -11.49 -23.97 0.61
CA GLY A 264 -10.83 -24.74 1.64
C GLY A 264 -9.70 -25.57 1.09
N GLY A 265 -9.27 -26.54 1.91
CA GLY A 265 -8.25 -27.49 1.51
C GLY A 265 -8.84 -28.84 1.16
N ASN A 266 -7.95 -29.74 0.71
CA ASN A 266 -8.38 -31.08 0.33
C ASN A 266 -9.30 -31.69 1.38
N THR A 267 -9.11 -31.32 2.65
CA THR A 267 -9.87 -31.86 3.78
C THR A 267 -11.25 -31.23 3.94
N LEU A 268 -11.71 -30.43 2.98
CA LEU A 268 -13.00 -29.74 3.12
C LEU A 268 -14.16 -30.72 2.95
N THR A 269 -15.20 -30.54 3.75
CA THR A 269 -16.31 -31.48 3.80
C THR A 269 -17.64 -30.75 3.61
N LEU A 270 -18.64 -31.51 3.16
CA LEU A 270 -19.95 -30.91 2.89
C LEU A 270 -20.66 -30.50 4.18
N ASN A 271 -20.35 -31.18 5.29
CA ASN A 271 -20.95 -30.80 6.56
C ASN A 271 -20.54 -29.39 6.95
N ASP A 272 -19.24 -29.10 6.90
CA ASP A 272 -18.74 -27.77 7.27
C ASP A 272 -19.32 -26.70 6.35
N ALA A 273 -19.48 -27.03 5.07
CA ALA A 273 -19.97 -26.04 4.11
C ALA A 273 -21.31 -25.47 4.53
N ASN A 274 -22.29 -26.34 4.80
CA ASN A 274 -23.62 -25.86 5.19
C ASN A 274 -23.60 -25.18 6.54
N ASP A 275 -22.60 -25.46 7.37
CA ASP A 275 -22.51 -24.77 8.65
C ASP A 275 -22.08 -23.32 8.43
N ALA A 276 -21.17 -23.08 7.49
CA ALA A 276 -20.82 -21.72 7.11
C ALA A 276 -22.00 -21.01 6.48
N VAL A 277 -22.67 -21.66 5.52
CA VAL A 277 -23.79 -21.04 4.82
C VAL A 277 -24.94 -20.75 5.77
N ASP A 278 -25.14 -21.59 6.78
CA ASP A 278 -26.28 -21.40 7.68
C ASP A 278 -26.23 -20.03 8.33
N ILE A 279 -25.05 -19.65 8.84
CA ILE A 279 -24.88 -18.34 9.46
C ILE A 279 -25.28 -17.24 8.50
N VAL A 280 -24.80 -17.31 7.26
CA VAL A 280 -25.08 -16.26 6.29
C VAL A 280 -26.58 -16.20 5.99
N LYS A 281 -27.21 -17.37 5.79
CA LYS A 281 -28.66 -17.40 5.62
C LYS A 281 -29.36 -16.79 6.83
N GLN A 282 -28.88 -17.10 8.03
CA GLN A 282 -29.40 -16.43 9.23
C GLN A 282 -29.21 -14.92 9.12
N ALA A 283 -27.97 -14.47 8.90
CA ALA A 283 -27.67 -13.05 8.90
C ALA A 283 -28.47 -12.29 7.86
N ILE A 284 -28.77 -12.90 6.71
CA ILE A 284 -29.59 -12.21 5.73
C ILE A 284 -31.06 -12.35 6.10
N GLY A 285 -31.48 -13.54 6.54
CA GLY A 285 -32.86 -13.74 6.92
C GLY A 285 -33.81 -13.59 5.72
N GLY A 286 -35.06 -13.30 6.04
CA GLY A 286 -36.09 -13.10 5.03
C GLY A 286 -36.20 -14.21 4.02
N GLU A 287 -36.79 -13.91 2.86
CA GLU A 287 -36.84 -14.83 1.72
C GLU A 287 -35.64 -14.52 0.84
N VAL A 288 -34.50 -15.12 1.17
CA VAL A 288 -33.26 -14.88 0.44
C VAL A 288 -33.02 -16.09 -0.47
N ASN A 289 -33.16 -15.86 -1.77
CA ASN A 289 -32.68 -16.83 -2.75
C ASN A 289 -31.16 -16.91 -2.65
N ILE A 290 -30.66 -17.88 -1.91
CA ILE A 290 -29.23 -18.00 -1.60
C ILE A 290 -28.69 -19.25 -2.28
N ILE A 291 -27.59 -19.08 -3.02
CA ILE A 291 -26.91 -20.21 -3.65
C ILE A 291 -25.46 -20.21 -3.15
N PHE A 292 -24.79 -21.35 -3.33
CA PHE A 292 -23.44 -21.49 -2.81
C PHE A 292 -22.74 -22.62 -3.54
N GLY A 293 -21.46 -22.75 -3.26
CA GLY A 293 -20.60 -23.71 -3.93
C GLY A 293 -19.26 -23.72 -3.23
N THR A 294 -18.35 -24.55 -3.75
CA THR A 294 -17.10 -24.81 -3.06
C THR A 294 -15.92 -24.74 -4.02
N ALA A 295 -14.72 -24.69 -3.44
CA ALA A 295 -13.47 -24.84 -4.16
C ALA A 295 -12.39 -25.17 -3.13
N VAL A 296 -11.28 -25.74 -3.61
CA VAL A 296 -10.17 -26.14 -2.76
C VAL A 296 -8.93 -25.38 -3.18
N ASN A 297 -7.99 -25.27 -2.23
CA ASN A 297 -6.78 -24.47 -2.40
C ASN A 297 -5.58 -25.25 -1.88
N GLU A 298 -4.56 -25.41 -2.72
CA GLU A 298 -3.35 -26.17 -2.35
C GLU A 298 -2.41 -25.38 -1.45
N HIS A 299 -2.88 -24.29 -0.85
CA HIS A 299 -2.09 -23.54 0.13
C HIS A 299 -2.73 -23.50 1.51
N LEU A 300 -3.97 -23.96 1.67
CA LEU A 300 -4.68 -23.90 2.94
C LEU A 300 -4.74 -25.29 3.56
N ASP A 301 -4.39 -25.38 4.85
CA ASP A 301 -4.39 -26.64 5.58
C ASP A 301 -5.72 -26.84 6.29
N ASP A 302 -5.85 -26.28 7.50
CA ASP A 302 -7.13 -26.25 8.20
C ASP A 302 -7.86 -24.93 8.02
N GLU A 303 -7.22 -23.93 7.42
CA GLU A 303 -7.84 -22.63 7.18
C GLU A 303 -8.96 -22.76 6.15
N MET A 304 -9.94 -21.85 6.24
CA MET A 304 -11.12 -21.91 5.38
C MET A 304 -11.74 -20.52 5.27
N ILE A 305 -11.80 -19.98 4.04
CA ILE A 305 -12.23 -18.60 3.81
C ILE A 305 -13.61 -18.61 3.16
N VAL A 306 -14.49 -17.74 3.65
CA VAL A 306 -15.87 -17.60 3.17
C VAL A 306 -15.99 -16.26 2.47
N THR A 307 -16.61 -16.28 1.28
CA THR A 307 -16.77 -15.07 0.48
C THR A 307 -18.23 -14.96 0.09
N VAL A 308 -18.80 -13.77 0.27
CA VAL A 308 -20.21 -13.52 0.00
C VAL A 308 -20.34 -12.40 -1.02
N ILE A 309 -21.31 -12.58 -1.92
CA ILE A 309 -21.75 -11.56 -2.86
C ILE A 309 -23.27 -11.55 -2.76
N ALA A 310 -23.83 -10.39 -2.41
CA ALA A 310 -25.28 -10.27 -2.22
C ALA A 310 -25.82 -9.08 -3.00
N THR A 311 -27.06 -9.20 -3.47
CA THR A 311 -27.65 -8.20 -4.36
C THR A 311 -29.11 -7.96 -4.00
N GLY A 312 -29.61 -6.80 -4.43
CA GLY A 312 -30.96 -6.40 -4.09
C GLY A 312 -30.98 -5.19 -3.16
N VAL B 10 -21.25 -25.39 -20.99
CA VAL B 10 -19.98 -24.79 -20.55
C VAL B 10 -19.93 -23.28 -20.86
N ALA B 11 -20.22 -22.45 -19.85
CA ALA B 11 -20.37 -21.02 -20.05
C ALA B 11 -19.07 -20.36 -20.50
N SER B 12 -19.21 -19.35 -21.36
CA SER B 12 -18.06 -18.57 -21.80
C SER B 12 -17.90 -17.35 -20.88
N ILE B 13 -16.78 -17.29 -20.17
CA ILE B 13 -16.52 -16.26 -19.17
C ILE B 13 -15.27 -15.51 -19.58
N LYS B 14 -15.38 -14.19 -19.72
CA LYS B 14 -14.25 -13.34 -20.04
C LYS B 14 -14.08 -12.26 -18.96
N VAL B 15 -12.82 -11.99 -18.63
CA VAL B 15 -12.43 -10.90 -17.74
C VAL B 15 -11.66 -9.92 -18.61
N ILE B 16 -12.10 -8.67 -18.68
CA ILE B 16 -11.30 -7.67 -19.37
C ILE B 16 -10.76 -6.68 -18.32
N GLY B 17 -9.44 -6.65 -18.16
CA GLY B 17 -8.76 -5.76 -17.22
C GLY B 17 -8.36 -4.47 -17.91
N ILE B 18 -8.87 -3.36 -17.41
CA ILE B 18 -8.70 -2.04 -18.03
C ILE B 18 -7.74 -1.21 -17.18
N GLY B 19 -6.73 -0.60 -17.84
CA GLY B 19 -5.82 0.30 -17.16
C GLY B 19 -4.81 -0.44 -16.28
N GLY B 20 -4.12 0.34 -15.44
CA GLY B 20 -3.11 -0.25 -14.57
C GLY B 20 -3.66 -1.28 -13.61
N ALA B 21 -4.71 -0.92 -12.88
CA ALA B 21 -5.26 -1.85 -11.87
C ALA B 21 -5.85 -3.09 -12.52
N GLY B 22 -6.56 -2.94 -13.65
CA GLY B 22 -7.13 -4.11 -14.32
C GLY B 22 -6.09 -5.00 -14.97
N ASN B 23 -5.12 -4.41 -15.67
CA ASN B 23 -4.00 -5.18 -16.21
C ASN B 23 -3.29 -5.97 -15.10
N ASN B 24 -2.94 -5.28 -14.03
CA ASN B 24 -2.37 -5.93 -12.85
C ASN B 24 -3.24 -7.09 -12.37
N ALA B 25 -4.55 -6.87 -12.25
CA ALA B 25 -5.42 -7.94 -11.76
C ALA B 25 -5.42 -9.15 -12.69
N VAL B 26 -5.41 -8.92 -14.00
CA VAL B 26 -5.43 -10.04 -14.94
C VAL B 26 -4.12 -10.82 -14.88
N ASN B 27 -2.99 -10.11 -14.82
CA ASN B 27 -1.70 -10.80 -14.65
C ASN B 27 -1.73 -11.71 -13.43
N ARG B 28 -2.30 -11.26 -12.33
CA ARG B 28 -2.32 -12.09 -11.13
C ARG B 28 -3.29 -13.27 -11.27
N MET B 29 -4.35 -13.12 -12.05
CA MET B 29 -5.23 -14.27 -12.27
C MET B 29 -4.52 -15.35 -13.09
N ILE B 30 -3.81 -14.95 -14.13
CA ILE B 30 -3.07 -15.91 -14.94
C ILE B 30 -2.04 -16.63 -14.08
N GLU B 31 -1.24 -15.87 -13.33
CA GLU B 31 -0.20 -16.48 -12.49
C GLU B 31 -0.80 -17.44 -11.47
N ALA B 32 -1.92 -17.07 -10.83
CA ALA B 32 -2.58 -17.97 -9.90
C ALA B 32 -3.32 -19.13 -10.59
N GLY B 33 -3.34 -19.17 -11.92
CA GLY B 33 -3.94 -20.28 -12.63
C GLY B 33 -5.45 -20.38 -12.49
N VAL B 34 -6.15 -19.25 -12.41
CA VAL B 34 -7.60 -19.30 -12.44
C VAL B 34 -8.02 -20.05 -13.70
N GLN B 35 -9.03 -20.89 -13.56
CA GLN B 35 -9.44 -21.80 -14.63
C GLN B 35 -10.81 -21.44 -15.18
N GLY B 36 -11.03 -21.79 -16.43
CA GLY B 36 -12.34 -21.63 -17.03
C GLY B 36 -12.66 -20.22 -17.47
N VAL B 37 -11.66 -19.37 -17.66
CA VAL B 37 -11.87 -17.96 -17.95
C VAL B 37 -10.89 -17.54 -19.03
N GLU B 38 -11.38 -16.79 -20.03
CA GLU B 38 -10.51 -16.04 -20.94
C GLU B 38 -10.20 -14.64 -20.42
N PHE B 39 -8.96 -14.21 -20.61
CA PHE B 39 -8.46 -12.94 -20.11
C PHE B 39 -8.15 -11.99 -21.24
N ILE B 40 -8.48 -10.72 -21.06
CA ILE B 40 -8.16 -9.66 -22.02
C ILE B 40 -7.62 -8.48 -21.22
N VAL B 41 -6.62 -7.79 -21.78
CA VAL B 41 -6.15 -6.54 -21.18
C VAL B 41 -6.28 -5.41 -22.19
N ALA B 42 -6.68 -4.25 -21.70
CA ALA B 42 -6.80 -3.03 -22.48
C ALA B 42 -6.19 -1.88 -21.71
N ASN B 43 -5.39 -1.07 -22.41
CA ASN B 43 -4.78 0.12 -21.83
C ASN B 43 -4.45 1.09 -22.97
N THR B 44 -4.58 2.39 -22.68
CA THR B 44 -3.99 3.40 -23.56
C THR B 44 -2.46 3.32 -23.59
N ASP B 45 -1.85 2.85 -22.51
CA ASP B 45 -0.39 2.74 -22.40
C ASP B 45 0.08 1.48 -23.11
N ALA B 46 0.67 1.63 -24.30
CA ALA B 46 1.13 0.47 -25.04
C ALA B 46 2.31 -0.22 -24.38
N GLN B 47 3.06 0.51 -23.54
CA GLN B 47 4.21 -0.09 -22.88
C GLN B 47 3.75 -1.09 -21.80
N ILE B 48 2.82 -0.66 -20.94
CA ILE B 48 2.30 -1.57 -19.92
C ILE B 48 1.69 -2.81 -20.56
N ILE B 49 1.07 -2.66 -21.73
CA ILE B 49 0.43 -3.79 -22.38
C ILE B 49 1.47 -4.80 -22.86
N SER B 50 2.53 -4.32 -23.51
CA SER B 50 3.49 -5.25 -24.15
C SER B 50 4.07 -6.22 -23.14
N VAL B 51 4.14 -5.83 -21.88
CA VAL B 51 4.68 -6.71 -20.84
C VAL B 51 3.67 -7.78 -20.43
N SER B 52 2.37 -7.50 -20.59
CA SER B 52 1.34 -8.38 -20.05
C SER B 52 1.53 -9.82 -20.50
N LYS B 53 1.16 -10.75 -19.61
CA LYS B 53 1.12 -12.17 -19.93
C LYS B 53 -0.14 -12.58 -20.69
N SER B 54 -1.12 -11.69 -20.81
CA SER B 54 -2.39 -12.06 -21.44
C SER B 54 -2.18 -12.41 -22.90
N LYS B 55 -2.95 -13.41 -23.37
CA LYS B 55 -2.98 -13.75 -24.79
C LYS B 55 -3.77 -12.75 -25.63
N ASN B 56 -4.71 -12.00 -25.04
CA ASN B 56 -5.54 -11.06 -25.79
C ASN B 56 -5.27 -9.64 -25.30
N LYS B 57 -4.71 -8.81 -26.18
CA LYS B 57 -4.23 -7.48 -25.83
C LYS B 57 -4.93 -6.44 -26.69
N ILE B 58 -5.24 -5.30 -26.09
CA ILE B 58 -5.79 -4.17 -26.82
C ILE B 58 -5.08 -2.91 -26.35
N VAL B 59 -4.49 -2.17 -27.30
CA VAL B 59 -4.03 -0.81 -27.04
C VAL B 59 -5.20 0.11 -27.35
N LEU B 60 -5.76 0.76 -26.34
CA LEU B 60 -6.89 1.65 -26.56
C LEU B 60 -6.45 2.96 -27.21
N GLY B 61 -7.28 3.45 -28.14
CA GLY B 61 -7.07 4.75 -28.76
C GLY B 61 -5.72 4.90 -29.42
N LYS B 62 -5.37 3.97 -30.33
CA LYS B 62 -4.04 3.95 -30.91
C LYS B 62 -3.74 5.22 -31.73
N GLU B 63 -4.76 5.91 -32.23
CA GLU B 63 -4.55 7.17 -32.93
C GLU B 63 -4.65 8.38 -32.00
N THR B 64 -5.76 8.49 -31.25
CA THR B 64 -6.00 9.69 -30.45
C THR B 64 -4.97 9.85 -29.33
N SER B 65 -4.54 8.73 -28.72
CA SER B 65 -3.55 8.78 -27.65
C SER B 65 -2.14 8.42 -28.10
N LYS B 66 -1.99 7.72 -29.22
CA LYS B 66 -0.68 7.43 -29.81
C LYS B 66 0.15 6.46 -28.97
N GLY B 67 -0.51 5.58 -28.20
CA GLY B 67 0.18 4.66 -27.34
C GLY B 67 0.64 5.22 -26.00
N LEU B 68 0.44 6.51 -25.76
CA LEU B 68 0.75 7.12 -24.48
C LEU B 68 -0.49 7.10 -23.58
N GLY B 69 -0.27 6.88 -22.28
CA GLY B 69 -1.35 6.86 -21.31
C GLY B 69 -2.28 8.05 -21.34
N ALA B 70 -3.37 7.99 -20.56
CA ALA B 70 -4.39 9.05 -20.55
C ALA B 70 -4.05 10.20 -19.61
N GLY B 71 -3.09 10.01 -18.70
CA GLY B 71 -2.61 11.08 -17.84
C GLY B 71 -3.61 11.61 -16.83
N ALA B 72 -4.37 10.72 -16.18
CA ALA B 72 -5.31 11.05 -15.11
C ALA B 72 -6.59 11.71 -15.59
N ASN B 73 -6.79 11.84 -16.92
CA ASN B 73 -7.93 12.53 -17.52
C ASN B 73 -8.96 11.52 -18.03
N PRO B 74 -10.07 11.27 -17.30
CA PRO B 74 -11.06 10.29 -17.78
C PRO B 74 -11.56 10.54 -19.19
N ASP B 75 -11.63 11.81 -19.63
CA ASP B 75 -12.05 12.09 -21.00
C ASP B 75 -11.22 11.33 -22.02
N VAL B 76 -9.91 11.14 -21.75
CA VAL B 76 -9.03 10.46 -22.71
C VAL B 76 -9.25 8.95 -22.68
N GLY B 77 -9.44 8.36 -21.50
CA GLY B 77 -9.80 6.95 -21.45
C GLY B 77 -11.10 6.68 -22.19
N ARG B 78 -12.12 7.51 -21.96
CA ARG B 78 -13.42 7.34 -22.60
C ARG B 78 -13.29 7.41 -24.12
N GLN B 79 -12.54 8.38 -24.64
CA GLN B 79 -12.42 8.57 -26.08
C GLN B 79 -11.52 7.50 -26.72
N ALA B 80 -10.47 7.09 -26.02
CA ALA B 80 -9.67 5.98 -26.53
C ALA B 80 -10.48 4.67 -26.60
N ALA B 81 -11.45 4.45 -25.69
CA ALA B 81 -12.26 3.23 -25.74
C ALA B 81 -13.23 3.27 -26.91
N ILE B 82 -13.94 4.39 -27.08
CA ILE B 82 -14.82 4.59 -28.23
C ILE B 82 -14.07 4.32 -29.53
N GLU B 83 -12.89 4.89 -29.67
CA GLU B 83 -12.11 4.69 -30.89
C GLU B 83 -11.71 3.24 -31.12
N SER B 84 -11.63 2.44 -30.06
CA SER B 84 -11.23 1.04 -30.20
C SER B 84 -12.43 0.10 -30.11
N ALA B 85 -13.64 0.62 -30.28
CA ALA B 85 -14.86 -0.15 -30.05
C ALA B 85 -14.85 -1.47 -30.82
N GLU B 86 -14.40 -1.46 -32.08
CA GLU B 86 -14.41 -2.67 -32.90
C GLU B 86 -13.48 -3.74 -32.33
N GLU B 87 -12.29 -3.36 -31.90
CA GLU B 87 -11.41 -4.35 -31.27
C GLU B 87 -11.99 -4.87 -29.97
N ILE B 88 -12.73 -4.04 -29.22
CA ILE B 88 -13.30 -4.49 -27.97
C ILE B 88 -14.43 -5.49 -28.22
N LYS B 89 -15.35 -5.14 -29.14
CA LYS B 89 -16.42 -6.09 -29.52
C LYS B 89 -15.83 -7.41 -29.97
N ASP B 90 -14.76 -7.36 -30.75
CA ASP B 90 -14.18 -8.57 -31.30
C ASP B 90 -13.60 -9.46 -30.21
N ALA B 91 -12.98 -8.87 -29.18
CA ALA B 91 -12.37 -9.72 -28.15
C ALA B 91 -13.42 -10.30 -27.22
N LEU B 92 -14.55 -9.63 -27.05
CA LEU B 92 -15.57 -10.05 -26.12
C LEU B 92 -16.62 -10.94 -26.76
N LYS B 93 -16.65 -11.02 -28.09
CA LYS B 93 -17.73 -11.69 -28.82
C LYS B 93 -17.97 -13.11 -28.32
N GLY B 94 -19.23 -13.44 -28.09
CA GLY B 94 -19.57 -14.80 -27.70
C GLY B 94 -19.59 -15.08 -26.20
N ALA B 95 -19.27 -14.09 -25.36
CA ALA B 95 -19.27 -14.29 -23.91
C ALA B 95 -20.69 -14.48 -23.36
N ASP B 96 -20.82 -15.42 -22.44
CA ASP B 96 -22.02 -15.45 -21.61
C ASP B 96 -21.92 -14.48 -20.43
N MET B 97 -20.72 -14.27 -19.91
CA MET B 97 -20.49 -13.38 -18.78
C MET B 97 -19.20 -12.60 -19.03
N VAL B 98 -19.23 -11.29 -18.79
CA VAL B 98 -18.05 -10.44 -18.90
C VAL B 98 -17.81 -9.73 -17.55
N PHE B 99 -16.65 -9.93 -16.96
CA PHE B 99 -16.20 -9.09 -15.84
C PHE B 99 -15.39 -7.92 -16.37
N VAL B 100 -15.82 -6.70 -16.03
CA VAL B 100 -15.08 -5.49 -16.38
C VAL B 100 -14.32 -5.05 -15.13
N ALA B 101 -12.99 -5.19 -15.12
CA ALA B 101 -12.16 -4.94 -13.95
C ALA B 101 -11.30 -3.70 -14.18
N ALA B 102 -11.32 -2.77 -13.22
CA ALA B 102 -10.60 -1.50 -13.38
C ALA B 102 -10.43 -0.85 -12.02
N GLY B 103 -9.51 0.11 -11.93
CA GLY B 103 -9.39 0.97 -10.76
C GLY B 103 -9.90 2.35 -11.11
N MET B 104 -10.86 2.84 -10.33
CA MET B 104 -11.39 4.17 -10.60
C MET B 104 -10.43 5.25 -10.08
N GLY B 105 -10.40 6.38 -10.76
CA GLY B 105 -9.69 7.55 -10.31
C GLY B 105 -8.60 8.02 -11.25
N GLY B 106 -8.07 7.13 -12.09
CA GLY B 106 -7.09 7.48 -13.09
C GLY B 106 -7.75 7.92 -14.39
N GLY B 107 -6.92 8.10 -15.41
CA GLY B 107 -7.43 8.54 -16.69
C GLY B 107 -8.08 7.44 -17.51
N THR B 108 -7.43 6.28 -17.57
CA THR B 108 -7.85 5.21 -18.47
C THR B 108 -9.03 4.41 -17.93
N GLY B 109 -8.82 3.72 -16.79
CA GLY B 109 -9.90 2.96 -16.19
C GLY B 109 -11.19 3.74 -16.01
N THR B 110 -11.09 4.95 -15.46
CA THR B 110 -12.29 5.71 -15.14
C THR B 110 -13.13 5.99 -16.39
N GLY B 111 -12.48 6.34 -17.49
CA GLY B 111 -13.21 6.76 -18.68
C GLY B 111 -13.56 5.59 -19.57
N ALA B 112 -12.67 4.60 -19.68
CA ALA B 112 -12.82 3.45 -20.58
C ALA B 112 -13.76 2.40 -20.04
N ALA B 113 -13.76 2.14 -18.73
CA ALA B 113 -14.58 1.05 -18.18
C ALA B 113 -16.06 1.16 -18.59
N PRO B 114 -16.72 2.30 -18.48
CA PRO B 114 -18.16 2.35 -18.83
C PRO B 114 -18.45 2.09 -20.31
N ILE B 115 -17.55 2.52 -21.20
CA ILE B 115 -17.72 2.24 -22.62
C ILE B 115 -17.58 0.75 -22.88
N ILE B 116 -16.58 0.12 -22.26
CA ILE B 116 -16.37 -1.30 -22.45
C ILE B 116 -17.55 -2.10 -21.89
N ALA B 117 -18.07 -1.68 -20.73
CA ALA B 117 -19.23 -2.38 -20.17
C ALA B 117 -20.44 -2.28 -21.08
N LYS B 118 -20.69 -1.06 -21.60
CA LYS B 118 -21.79 -0.84 -22.53
C LYS B 118 -21.66 -1.77 -23.73
N LEU B 119 -20.49 -1.82 -24.34
CA LEU B 119 -20.29 -2.70 -25.48
C LEU B 119 -20.54 -4.16 -25.11
N ALA B 120 -20.01 -4.60 -23.98
CA ALA B 120 -20.16 -6.00 -23.60
C ALA B 120 -21.61 -6.33 -23.36
N ARG B 121 -22.33 -5.42 -22.70
CA ARG B 121 -23.72 -5.70 -22.36
C ARG B 121 -24.60 -5.72 -23.61
N GLU B 122 -24.35 -4.79 -24.55
CA GLU B 122 -25.13 -4.78 -25.78
C GLU B 122 -24.87 -6.04 -26.62
N GLN B 123 -23.71 -6.67 -26.47
CA GLN B 123 -23.49 -7.91 -27.19
C GLN B 123 -24.29 -9.09 -26.61
N GLY B 124 -24.85 -8.95 -25.42
CA GLY B 124 -25.64 -9.99 -24.78
C GLY B 124 -25.03 -10.58 -23.54
N ALA B 125 -23.86 -10.10 -23.09
CA ALA B 125 -23.21 -10.70 -21.93
C ALA B 125 -23.87 -10.21 -20.64
N LEU B 126 -24.02 -11.13 -19.68
CA LEU B 126 -24.16 -10.73 -18.29
C LEU B 126 -22.89 -10.00 -17.87
N THR B 127 -23.01 -8.72 -17.51
CA THR B 127 -21.86 -7.82 -17.41
C THR B 127 -21.70 -7.37 -15.97
N VAL B 128 -20.60 -7.77 -15.33
CA VAL B 128 -20.35 -7.46 -13.92
C VAL B 128 -19.13 -6.56 -13.85
N GLY B 129 -19.30 -5.36 -13.32
CA GLY B 129 -18.16 -4.48 -13.03
C GLY B 129 -17.58 -4.83 -11.68
N ILE B 130 -16.27 -4.95 -11.61
CA ILE B 130 -15.60 -5.10 -10.33
C ILE B 130 -14.46 -4.10 -10.28
N ILE B 131 -14.54 -3.15 -9.36
CA ILE B 131 -13.67 -1.97 -9.37
C ILE B 131 -13.20 -1.69 -7.95
N THR B 132 -12.03 -1.06 -7.87
CA THR B 132 -11.58 -0.40 -6.66
C THR B 132 -11.88 1.09 -6.76
N THR B 133 -12.01 1.73 -5.61
CA THR B 133 -12.01 3.19 -5.53
C THR B 133 -10.83 3.62 -4.67
N PRO B 134 -10.39 4.88 -4.77
CA PRO B 134 -9.05 5.25 -4.31
C PRO B 134 -8.89 5.30 -2.78
N PHE B 135 -7.66 5.11 -2.33
CA PHE B 135 -7.30 5.46 -0.96
C PHE B 135 -7.61 6.93 -0.71
N SER B 136 -8.02 7.26 0.51
CA SER B 136 -8.26 8.68 0.78
C SER B 136 -6.98 9.50 0.63
N PHE B 137 -5.81 8.92 0.96
CA PHE B 137 -4.60 9.71 0.77
C PHE B 137 -4.29 10.01 -0.69
N GLU B 138 -5.00 9.42 -1.65
CA GLU B 138 -4.78 9.83 -3.05
C GLU B 138 -5.37 11.21 -3.37
N GLY B 139 -6.10 11.83 -2.46
CA GLY B 139 -6.50 13.22 -2.65
C GLY B 139 -7.90 13.39 -3.22
N ARG B 140 -8.25 14.66 -3.42
CA ARG B 140 -9.64 15.06 -3.63
C ARG B 140 -10.04 14.88 -5.08
N ALA B 141 -9.23 15.37 -6.01
CA ALA B 141 -9.60 15.25 -7.42
C ALA B 141 -9.71 13.78 -7.83
N ARG B 142 -8.77 12.94 -7.38
CA ARG B 142 -8.83 11.54 -7.77
C ARG B 142 -10.03 10.84 -7.13
N ASN B 143 -10.31 11.11 -5.87
CA ASN B 143 -11.49 10.52 -5.28
C ASN B 143 -12.79 11.02 -5.93
N SER B 144 -12.74 12.21 -6.55
CA SER B 144 -13.94 12.78 -7.16
C SER B 144 -14.13 12.25 -8.57
N TYR B 145 -13.07 12.21 -9.39
CA TYR B 145 -13.11 11.43 -10.62
C TYR B 145 -13.67 10.04 -10.36
N ALA B 146 -13.22 9.39 -9.28
CA ALA B 146 -13.58 8.00 -9.04
C ALA B 146 -15.09 7.85 -8.85
N ILE B 147 -15.70 8.83 -8.19
CA ILE B 147 -17.14 8.76 -7.93
C ILE B 147 -17.93 8.98 -9.22
N GLN B 148 -17.50 9.93 -10.06
CA GLN B 148 -18.13 10.08 -11.36
C GLN B 148 -18.02 8.79 -12.15
N GLY B 149 -16.80 8.24 -12.24
CA GLY B 149 -16.60 7.03 -13.00
C GLY B 149 -17.49 5.90 -12.52
N THR B 150 -17.65 5.79 -11.21
CA THR B 150 -18.50 4.76 -10.63
C THR B 150 -19.94 4.92 -11.09
N GLU B 151 -20.47 6.16 -11.04
CA GLU B 151 -21.86 6.41 -11.41
C GLU B 151 -22.09 6.16 -12.91
N GLU B 152 -21.12 6.51 -13.73
CA GLU B 152 -21.24 6.21 -15.15
C GLU B 152 -21.19 4.69 -15.37
N LEU B 153 -20.27 3.99 -14.70
CA LEU B 153 -20.19 2.55 -14.88
C LEU B 153 -21.47 1.85 -14.46
N ARG B 154 -22.12 2.34 -13.40
CA ARG B 154 -23.30 1.65 -12.90
C ARG B 154 -24.43 1.62 -13.93
N LYS B 155 -24.43 2.59 -14.86
CA LYS B 155 -25.46 2.65 -15.90
C LYS B 155 -25.33 1.54 -16.92
N HIS B 156 -24.17 0.89 -17.01
CA HIS B 156 -23.89 -0.02 -18.13
C HIS B 156 -23.54 -1.42 -17.68
N VAL B 157 -23.68 -1.76 -16.40
CA VAL B 157 -23.42 -3.11 -15.95
C VAL B 157 -24.71 -3.70 -15.39
N ASP B 158 -24.81 -5.03 -15.43
CA ASP B 158 -25.84 -5.72 -14.66
C ASP B 158 -25.61 -5.53 -13.16
N SER B 159 -24.38 -5.75 -12.71
CA SER B 159 -24.09 -5.51 -11.30
C SER B 159 -22.67 -4.99 -11.17
N LEU B 160 -22.43 -4.34 -10.04
CA LEU B 160 -21.22 -3.58 -9.81
C LEU B 160 -20.70 -3.91 -8.42
N ILE B 161 -19.59 -4.62 -8.34
CA ILE B 161 -18.92 -4.85 -7.07
C ILE B 161 -17.91 -3.74 -6.87
N ILE B 162 -18.04 -3.01 -5.76
CA ILE B 162 -17.16 -1.88 -5.46
C ILE B 162 -16.32 -2.23 -4.24
N ILE B 163 -15.00 -2.17 -4.41
CA ILE B 163 -14.01 -2.44 -3.37
C ILE B 163 -13.31 -1.12 -3.03
N SER B 164 -13.59 -0.55 -1.85
CA SER B 164 -12.88 0.66 -1.41
C SER B 164 -11.43 0.31 -1.08
N ASN B 165 -10.49 1.08 -1.61
CA ASN B 165 -9.13 0.74 -1.22
C ASN B 165 -8.88 1.12 0.24
N ASP B 166 -9.61 2.09 0.79
CA ASP B 166 -9.57 2.34 2.22
C ASP B 166 -9.94 1.08 3.02
N ARG B 167 -11.06 0.43 2.66
CA ARG B 167 -11.47 -0.77 3.40
C ARG B 167 -10.53 -1.91 3.14
N LEU B 168 -9.95 -1.97 1.94
CA LEU B 168 -9.02 -3.05 1.66
C LEU B 168 -7.79 -2.96 2.55
N LEU B 169 -7.38 -1.74 2.84
CA LEU B 169 -6.20 -1.54 3.68
C LEU B 169 -6.50 -1.92 5.14
N GLU B 170 -7.72 -1.61 5.61
CA GLU B 170 -8.15 -2.13 6.91
C GLU B 170 -8.13 -3.65 6.92
N VAL B 171 -8.64 -4.28 5.85
CA VAL B 171 -8.70 -5.74 5.87
C VAL B 171 -7.30 -6.34 5.90
N ILE B 172 -6.37 -5.77 5.12
CA ILE B 172 -5.03 -6.34 5.00
C ILE B 172 -4.18 -6.05 6.24
N GLY B 173 -4.23 -4.81 6.74
CA GLY B 173 -3.44 -4.47 7.92
C GLY B 173 -4.08 -4.87 9.25
N GLY B 174 -5.36 -5.18 9.25
CA GLY B 174 -6.05 -5.56 10.47
C GLY B 174 -6.33 -4.43 11.44
N VAL B 175 -6.22 -3.17 11.03
CA VAL B 175 -6.52 -2.07 11.94
C VAL B 175 -7.40 -1.05 11.22
N PRO B 176 -8.16 -0.26 11.97
CA PRO B 176 -8.98 0.80 11.37
C PRO B 176 -8.14 1.74 10.52
N LEU B 177 -8.81 2.41 9.58
CA LEU B 177 -8.12 3.30 8.65
C LEU B 177 -7.29 4.33 9.40
N LYS B 178 -7.87 4.95 10.43
CA LYS B 178 -7.18 5.99 11.19
C LYS B 178 -5.82 5.52 11.74
N ASP B 179 -5.62 4.22 11.92
CA ASP B 179 -4.38 3.67 12.43
C ASP B 179 -3.57 2.93 11.35
N SER B 180 -4.00 2.99 10.09
CA SER B 180 -3.34 2.19 9.06
C SER B 180 -1.85 2.53 8.92
N PHE B 181 -1.45 3.79 9.13
CA PHE B 181 -0.03 4.13 9.00
C PHE B 181 0.61 4.47 10.35
N LYS B 182 0.01 4.04 11.46
CA LYS B 182 0.58 4.31 12.78
C LYS B 182 1.94 3.66 12.98
N GLU B 183 2.11 2.40 12.52
CA GLU B 183 3.41 1.75 12.64
C GLU B 183 4.44 2.39 11.73
N ALA B 184 4.04 2.77 10.52
CA ALA B 184 4.99 3.44 9.64
C ALA B 184 5.45 4.76 10.25
N ASP B 185 4.50 5.59 10.72
CA ASP B 185 4.86 6.86 11.37
C ASP B 185 5.82 6.61 12.51
N ASN B 186 5.59 5.53 13.27
CA ASN B 186 6.41 5.20 14.43
C ASN B 186 7.83 4.78 14.02
N ILE B 187 7.97 4.01 12.94
CA ILE B 187 9.30 3.60 12.45
C ILE B 187 10.08 4.81 11.96
N LEU B 188 9.41 5.74 11.26
CA LEU B 188 10.09 6.98 10.84
C LEU B 188 10.57 7.77 12.05
N ARG B 189 9.74 7.83 13.09
CA ARG B 189 10.15 8.50 14.33
C ARG B 189 11.36 7.82 14.95
N GLN B 190 11.37 6.48 14.94
CA GLN B 190 12.51 5.72 15.50
C GLN B 190 13.75 5.88 14.65
N GLY B 191 13.60 5.97 13.32
CA GLY B 191 14.75 6.18 12.48
C GLY B 191 15.50 7.46 12.83
N VAL B 192 14.76 8.55 13.01
CA VAL B 192 15.35 9.82 13.45
C VAL B 192 15.93 9.70 14.86
N GLN B 193 15.10 9.25 15.81
CA GLN B 193 15.45 9.24 17.22
C GLN B 193 16.62 8.31 17.52
N THR B 194 16.74 7.21 16.80
CA THR B 194 17.90 6.32 16.88
C THR B 194 19.19 7.11 16.85
N ILE B 195 19.30 8.08 15.92
CA ILE B 195 20.50 8.91 15.81
C ILE B 195 20.44 10.12 16.72
N THR B 196 19.30 10.84 16.79
CA THR B 196 19.31 12.14 17.45
C THR B 196 19.43 11.99 18.96
N ASP B 197 18.85 10.96 19.57
CA ASP B 197 19.10 10.75 20.99
C ASP B 197 20.60 10.62 21.29
N LEU B 198 21.33 9.89 20.45
CA LEU B 198 22.75 9.64 20.72
C LEU B 198 23.55 10.94 20.67
N ILE B 199 23.14 11.88 19.82
CA ILE B 199 23.83 13.17 19.73
C ILE B 199 23.35 14.14 20.81
N ALA B 200 22.05 14.26 20.98
CA ALA B 200 21.47 15.43 21.62
C ALA B 200 20.84 15.18 22.97
N VAL B 201 20.67 13.94 23.40
CA VAL B 201 20.07 13.64 24.71
C VAL B 201 21.15 13.04 25.60
N PRO B 202 21.57 13.73 26.66
CA PRO B 202 22.65 13.23 27.52
C PRO B 202 22.33 11.89 28.16
N SER B 203 23.24 10.95 28.00
CA SER B 203 23.09 9.65 28.63
C SER B 203 24.49 9.20 28.99
N LEU B 204 24.60 7.96 29.44
CA LEU B 204 25.93 7.46 29.80
C LEU B 204 26.85 7.42 28.60
N ILE B 205 26.32 7.06 27.43
CA ILE B 205 27.12 6.90 26.22
C ILE B 205 26.45 7.69 25.10
N ASN B 206 27.01 8.85 24.78
CA ASN B 206 26.61 9.68 23.65
C ASN B 206 27.65 9.58 22.53
N LEU B 207 27.30 10.09 21.36
CA LEU B 207 28.21 10.15 20.22
C LEU B 207 28.38 11.58 19.74
N ASP B 208 29.56 11.91 19.26
CA ASP B 208 29.82 13.23 18.70
C ASP B 208 29.27 13.34 17.29
N PHE B 209 28.78 14.52 16.94
CA PHE B 209 28.27 14.76 15.60
C PHE B 209 29.30 14.41 14.54
N ALA B 210 30.58 14.74 14.78
CA ALA B 210 31.60 14.38 13.81
C ALA B 210 31.67 12.88 13.58
N ASP B 211 31.41 12.08 14.61
CA ASP B 211 31.48 10.66 14.36
C ASP B 211 30.25 10.17 13.58
N ILE B 212 29.07 10.76 13.81
CA ILE B 212 27.92 10.39 12.99
C ILE B 212 28.21 10.70 11.53
N LYS B 213 28.79 11.88 11.28
CA LYS B 213 29.13 12.32 9.92
C LYS B 213 30.04 11.32 9.23
N THR B 214 31.02 10.79 9.94
CA THR B 214 31.89 9.79 9.32
C THR B 214 31.09 8.59 8.84
N VAL B 215 30.09 8.18 9.61
CA VAL B 215 29.29 7.02 9.23
C VAL B 215 28.31 7.34 8.11
N MET B 216 27.84 8.59 8.01
CA MET B 216 26.67 8.87 7.14
C MET B 216 26.90 9.81 5.97
N LYS B 217 28.06 10.47 5.91
CA LYS B 217 28.31 11.45 4.85
C LYS B 217 28.76 10.77 3.57
N ASN B 218 28.20 11.21 2.44
CA ASN B 218 28.51 10.67 1.10
C ASN B 218 28.46 9.14 1.07
N LYS B 219 27.36 8.56 1.57
CA LYS B 219 27.21 7.10 1.67
C LYS B 219 26.22 6.46 0.71
N GLY B 220 25.15 7.11 0.31
CA GLY B 220 24.11 6.39 -0.42
C GLY B 220 23.13 5.69 0.53
N ASN B 221 22.91 4.38 0.32
CA ASN B 221 21.90 3.64 1.08
C ASN B 221 22.40 3.25 2.46
N ALA B 222 21.60 3.55 3.48
CA ALA B 222 21.86 3.17 4.86
C ALA B 222 20.84 2.12 5.26
N LEU B 223 21.32 0.96 5.73
CA LEU B 223 20.42 -0.12 6.12
C LEU B 223 19.97 0.12 7.55
N PHE B 224 18.71 -0.19 7.82
CA PHE B 224 18.09 0.13 9.10
C PHE B 224 17.36 -1.12 9.62
N GLY B 225 17.69 -1.53 10.84
CA GLY B 225 17.03 -2.67 11.46
C GLY B 225 16.79 -2.42 12.93
N ILE B 226 15.71 -2.99 13.45
CA ILE B 226 15.32 -2.80 14.84
C ILE B 226 14.96 -4.16 15.40
N GLY B 227 15.31 -4.41 16.65
CA GLY B 227 14.85 -5.61 17.32
C GLY B 227 14.56 -5.32 18.77
N ILE B 228 13.55 -5.99 19.29
CA ILE B 228 13.25 -5.85 20.71
C ILE B 228 13.37 -7.22 21.38
N GLY B 229 13.90 -7.24 22.59
CA GLY B 229 14.03 -8.48 23.33
C GLY B 229 13.68 -8.23 24.79
N SER B 230 13.47 -9.32 25.52
CA SER B 230 13.08 -9.24 26.92
C SER B 230 13.53 -10.51 27.64
N GLY B 231 13.56 -10.45 28.98
CA GLY B 231 13.94 -11.60 29.78
C GLY B 231 15.46 -11.75 29.87
N LYS B 232 15.88 -12.94 30.32
CA LYS B 232 17.30 -13.20 30.65
C LYS B 232 18.22 -12.98 29.46
N ASP B 233 17.80 -13.40 28.25
CA ASP B 233 18.60 -13.29 27.04
C ASP B 233 18.15 -12.14 26.13
N LYS B 234 17.68 -11.05 26.73
CA LYS B 234 17.12 -9.94 25.95
C LYS B 234 18.13 -9.37 24.93
N ALA B 235 19.41 -9.30 25.30
CA ALA B 235 20.38 -8.74 24.36
C ALA B 235 20.55 -9.64 23.14
N ILE B 236 20.68 -10.94 23.37
CA ILE B 236 20.78 -11.90 22.26
C ILE B 236 19.53 -11.82 21.39
N GLU B 237 18.37 -11.74 22.01
CA GLU B 237 17.13 -11.68 21.26
C GLU B 237 17.01 -10.37 20.47
N ALA B 238 17.23 -9.23 21.14
CA ALA B 238 17.06 -7.91 20.50
C ALA B 238 18.05 -7.71 19.35
N ALA B 239 19.34 -7.97 19.60
CA ALA B 239 20.37 -7.80 18.57
C ALA B 239 20.18 -8.72 17.38
N ASN B 240 19.85 -9.99 17.62
CA ASN B 240 19.65 -10.88 16.46
C ASN B 240 18.38 -10.49 15.68
N LYS B 241 17.34 -10.01 16.35
CA LYS B 241 16.18 -9.50 15.62
C LYS B 241 16.56 -8.27 14.77
N ALA B 242 17.41 -7.38 15.29
CA ALA B 242 17.78 -6.21 14.50
C ALA B 242 18.56 -6.60 13.24
N ILE B 243 19.44 -7.60 13.33
CA ILE B 243 20.29 -7.86 12.16
C ILE B 243 19.62 -8.67 11.07
N ILE B 244 18.44 -9.27 11.31
CA ILE B 244 17.71 -9.87 10.19
C ILE B 244 16.33 -9.24 10.10
N SER B 245 16.21 -8.01 10.57
CA SER B 245 14.94 -7.32 10.60
C SER B 245 14.33 -7.28 9.18
N PRO B 246 13.04 -7.55 9.04
CA PRO B 246 12.40 -7.35 7.71
C PRO B 246 12.58 -5.95 7.16
N LEU B 247 12.81 -4.94 8.00
CA LEU B 247 13.04 -3.59 7.50
C LEU B 247 14.31 -3.46 6.65
N LEU B 248 15.28 -4.34 6.82
CA LEU B 248 16.55 -4.17 6.12
C LEU B 248 16.35 -4.41 4.63
N GLU B 249 16.82 -3.48 3.79
CA GLU B 249 16.65 -3.73 2.37
C GLU B 249 17.67 -4.73 1.81
N ALA B 250 18.75 -4.99 2.54
CA ALA B 250 19.73 -6.00 2.16
C ALA B 250 20.38 -6.55 3.43
N SER B 251 21.27 -7.53 3.26
CA SER B 251 22.07 -8.02 4.39
C SER B 251 23.02 -6.93 4.87
N ILE B 252 23.16 -6.82 6.20
CA ILE B 252 24.18 -5.94 6.77
C ILE B 252 25.58 -6.52 6.69
N ARG B 253 25.72 -7.79 6.27
CA ARG B 253 27.02 -8.44 6.23
C ARG B 253 28.00 -7.65 5.37
N GLY B 254 29.17 -7.33 5.92
CA GLY B 254 30.14 -6.57 5.14
C GLY B 254 30.02 -5.06 5.16
N ALA B 255 29.05 -4.46 5.88
CA ALA B 255 29.01 -2.99 5.93
C ALA B 255 30.34 -2.46 6.44
N ARG B 256 30.70 -1.25 5.99
CA ARG B 256 31.95 -0.63 6.42
C ARG B 256 31.83 0.16 7.71
N ASP B 257 30.66 0.77 7.97
CA ASP B 257 30.43 1.55 9.18
C ASP B 257 29.02 1.25 9.68
N ALA B 258 28.82 1.36 10.99
CA ALA B 258 27.49 1.20 11.52
C ALA B 258 27.35 2.02 12.79
N ILE B 259 26.14 2.49 13.03
CA ILE B 259 25.73 3.08 14.29
C ILE B 259 24.80 2.09 14.98
N ILE B 260 25.01 1.87 16.26
CA ILE B 260 24.12 1.04 17.06
C ILE B 260 23.56 1.89 18.19
N ASN B 261 22.24 1.90 18.33
CA ASN B 261 21.57 2.51 19.45
C ASN B 261 21.04 1.38 20.34
N VAL B 262 21.42 1.39 21.61
CA VAL B 262 20.90 0.45 22.59
C VAL B 262 20.01 1.25 23.55
N THR B 263 18.74 0.91 23.59
CA THR B 263 17.80 1.63 24.44
C THR B 263 17.26 0.63 25.44
N GLY B 264 17.25 0.99 26.72
CA GLY B 264 16.71 0.10 27.73
C GLY B 264 16.04 0.89 28.84
N GLY B 265 15.53 0.15 29.83
CA GLY B 265 14.96 0.73 31.02
C GLY B 265 16.01 0.89 32.11
N ASN B 266 15.52 1.22 33.30
CA ASN B 266 16.46 1.48 34.39
C ASN B 266 17.23 0.25 34.84
N THR B 267 16.80 -0.97 34.46
CA THR B 267 17.52 -2.18 34.85
C THR B 267 18.54 -2.68 33.80
N LEU B 268 18.66 -2.03 32.64
CA LEU B 268 19.64 -2.50 31.64
C LEU B 268 21.07 -2.49 32.20
N THR B 269 21.79 -3.57 32.00
CA THR B 269 23.16 -3.71 32.47
C THR B 269 24.14 -3.34 31.37
N LEU B 270 25.33 -2.91 31.80
CA LEU B 270 26.45 -2.73 30.87
C LEU B 270 26.68 -4.00 30.08
N ASN B 271 26.65 -5.14 30.77
CA ASN B 271 26.82 -6.43 30.12
C ASN B 271 25.78 -6.65 29.00
N ASP B 272 24.49 -6.36 29.26
CA ASP B 272 23.50 -6.44 28.16
C ASP B 272 23.90 -5.55 27.00
N ALA B 273 24.20 -4.28 27.29
CA ALA B 273 24.53 -3.36 26.18
C ALA B 273 25.76 -3.84 25.45
N ASN B 274 26.72 -4.35 26.19
CA ASN B 274 27.96 -4.85 25.60
C ASN B 274 27.73 -6.11 24.76
N ASP B 275 26.87 -7.01 25.23
CA ASP B 275 26.57 -8.20 24.41
C ASP B 275 25.90 -7.80 23.09
N ALA B 276 24.98 -6.83 23.12
CA ALA B 276 24.28 -6.47 21.88
C ALA B 276 25.26 -5.92 20.85
N VAL B 277 26.17 -5.04 21.29
CA VAL B 277 27.15 -4.47 20.38
C VAL B 277 28.05 -5.55 19.78
N ASP B 278 28.47 -6.51 20.60
CA ASP B 278 29.30 -7.62 20.10
C ASP B 278 28.55 -8.52 19.10
N ILE B 279 27.28 -8.82 19.36
CA ILE B 279 26.49 -9.58 18.39
C ILE B 279 26.46 -8.85 17.05
N VAL B 280 26.18 -7.52 17.06
CA VAL B 280 26.07 -6.81 15.78
C VAL B 280 27.42 -6.78 15.08
N LYS B 281 28.50 -6.53 15.82
CA LYS B 281 29.81 -6.54 15.19
C LYS B 281 30.13 -7.89 14.56
N GLN B 282 29.87 -8.98 15.27
CA GLN B 282 30.15 -10.28 14.70
C GLN B 282 29.25 -10.56 13.50
N ALA B 283 27.99 -10.12 13.55
CA ALA B 283 27.12 -10.33 12.40
C ALA B 283 27.60 -9.57 11.17
N ILE B 284 28.04 -8.32 11.35
CA ILE B 284 28.52 -7.55 10.21
C ILE B 284 29.82 -8.15 9.69
N GLY B 285 30.78 -8.36 10.58
CA GLY B 285 32.03 -9.01 10.21
C GLY B 285 33.08 -8.06 9.71
N GLY B 286 34.23 -8.65 9.40
CA GLY B 286 35.32 -7.90 8.81
C GLY B 286 35.85 -6.85 9.77
N GLU B 287 36.33 -5.74 9.19
CA GLU B 287 36.82 -4.66 10.04
C GLU B 287 35.85 -3.47 10.03
N VAL B 288 34.56 -3.75 10.27
CA VAL B 288 33.54 -2.70 10.33
C VAL B 288 33.88 -1.71 11.44
N ASN B 289 33.83 -0.42 11.11
CA ASN B 289 33.90 0.66 12.10
C ASN B 289 32.52 0.84 12.75
N ILE B 290 32.41 0.44 14.01
CA ILE B 290 31.17 0.49 14.78
C ILE B 290 31.26 1.64 15.75
N ILE B 291 30.23 2.45 15.81
CA ILE B 291 30.07 3.40 16.91
C ILE B 291 28.68 3.16 17.48
N PHE B 292 28.51 3.49 18.77
CA PHE B 292 27.27 3.11 19.44
C PHE B 292 27.08 4.04 20.62
N GLY B 293 25.82 4.19 21.03
CA GLY B 293 25.46 4.94 22.21
C GLY B 293 24.24 4.36 22.85
N THR B 294 23.80 4.94 23.96
CA THR B 294 22.70 4.34 24.70
C THR B 294 21.63 5.41 24.96
N ALA B 295 20.44 4.94 25.29
CA ALA B 295 19.32 5.81 25.60
C ALA B 295 18.46 5.09 26.63
N VAL B 296 17.78 5.89 27.46
CA VAL B 296 16.91 5.39 28.50
C VAL B 296 15.47 5.62 28.08
N ASN B 297 14.65 4.60 28.25
CA ASN B 297 13.21 4.73 28.07
C ASN B 297 12.60 4.02 29.27
N GLU B 298 12.10 4.79 30.23
CA GLU B 298 11.66 4.20 31.48
C GLU B 298 10.31 3.48 31.37
N HIS B 299 9.67 3.49 30.20
CA HIS B 299 8.46 2.69 30.03
C HIS B 299 8.77 1.24 29.70
N LEU B 300 9.99 0.93 29.26
CA LEU B 300 10.39 -0.45 29.06
C LEU B 300 10.54 -1.16 30.39
N ASP B 301 9.96 -2.35 30.49
CA ASP B 301 10.06 -3.18 31.67
C ASP B 301 10.72 -4.50 31.26
N ASP B 302 11.98 -4.67 31.64
CA ASP B 302 12.75 -5.88 31.33
C ASP B 302 12.79 -6.14 29.83
N GLU B 303 12.93 -5.07 29.06
CA GLU B 303 13.01 -5.11 27.62
C GLU B 303 14.16 -4.22 27.18
N MET B 304 14.70 -4.52 26.00
CA MET B 304 15.65 -3.62 25.41
C MET B 304 15.44 -3.63 23.92
N ILE B 305 15.79 -2.53 23.29
CA ILE B 305 15.60 -2.30 21.86
C ILE B 305 16.96 -1.97 21.28
N VAL B 306 17.34 -2.69 20.24
CA VAL B 306 18.60 -2.50 19.54
C VAL B 306 18.27 -2.02 18.15
N THR B 307 18.89 -0.92 17.75
CA THR B 307 18.72 -0.37 16.41
C THR B 307 20.07 -0.23 15.75
N VAL B 308 20.14 -0.56 14.46
CA VAL B 308 21.38 -0.55 13.70
C VAL B 308 21.13 0.26 12.45
N ILE B 309 22.06 1.15 12.14
CA ILE B 309 22.15 1.83 10.85
C ILE B 309 23.51 1.50 10.26
N ALA B 310 23.52 0.78 9.15
CA ALA B 310 24.76 0.32 8.53
C ALA B 310 24.92 0.96 7.16
N THR B 311 26.12 1.45 6.87
CA THR B 311 26.43 2.01 5.56
C THR B 311 27.66 1.36 4.95
N GLY B 312 27.80 1.54 3.65
CA GLY B 312 29.04 1.25 2.94
C GLY B 312 29.08 -0.10 2.27
N PHE B 313 28.63 -0.17 1.02
CA PHE B 313 28.61 -1.44 0.30
C PHE B 313 29.14 -1.26 -1.13
C TRS C . -2.73 14.22 0.63
C1 TRS C . -3.89 14.42 -0.36
C2 TRS C . -3.30 14.07 2.04
C3 TRS C . -1.85 15.48 0.61
N TRS C . -1.93 13.03 0.28
O1 TRS C . -3.40 14.34 -1.70
O2 TRS C . -3.53 12.71 2.36
O3 TRS C . -0.62 15.23 1.26
H11 TRS C . -4.36 15.38 -0.20
H12 TRS C . -4.64 13.64 -0.21
H21 TRS C . -4.22 14.63 2.12
H22 TRS C . -2.59 14.49 2.76
H31 TRS C . -1.66 15.76 -0.43
H32 TRS C . -2.37 16.30 1.09
HN1 TRS C . -1.51 13.08 -0.64
HN2 TRS C . -2.39 12.16 0.48
HN3 TRS C . -1.14 13.06 0.92
HO1 TRS C . -2.43 14.18 -1.68
HO2 TRS C . -3.89 12.65 3.27
HO3 TRS C . -0.07 16.04 1.23
PB GDP D . 1.60 13.25 -0.97
O1B GDP D . 1.47 14.22 0.19
O2B GDP D . 2.91 13.40 -1.72
O3B GDP D . 0.48 13.55 -1.97
O3A GDP D . 1.42 11.73 -0.54
PA GDP D . 1.30 11.17 0.95
O1A GDP D . 0.00 11.58 1.61
O2A GDP D . 2.55 11.58 1.73
O5' GDP D . 1.40 9.59 0.69
C5' GDP D . 2.53 9.03 -0.03
C4' GDP D . 2.68 7.61 0.42
O4' GDP D . 2.85 7.50 1.84
C3' GDP D . 1.40 6.84 0.15
O3' GDP D . 1.53 6.32 -1.16
C2' GDP D . 1.37 5.79 1.26
O2' GDP D . 2.18 4.67 0.91
C1' GDP D . 2.09 6.43 2.42
N9 GDP D . 1.20 7.09 3.39
C8 GDP D . -0.03 7.62 3.16
N7 GDP D . -0.52 8.20 4.28
C5 GDP D . 0.43 8.04 5.23
C6 GDP D . 0.55 8.41 6.64
O6 GDP D . -0.39 9.04 7.18
N1 GDP D . 1.68 8.07 7.27
C2 GDP D . 2.69 7.40 6.68
N2 GDP D . 3.80 7.11 7.39
N3 GDP D . 2.64 7.02 5.38
C4 GDP D . 1.56 7.32 4.64
PG GNP E . -3.48 6.70 -15.94
O1G GNP E . -1.99 7.05 -16.02
O2G GNP E . -4.16 7.62 -14.96
O3G GNP E . -4.10 6.74 -17.37
N3B GNP E . -3.59 5.08 -15.40
PB GNP E . -5.07 4.22 -15.07
O1B GNP E . -4.75 2.86 -15.64
O2B GNP E . -6.35 4.79 -15.51
O3A GNP E . -5.24 4.20 -13.46
PA GNP E . -4.68 2.99 -12.54
O1A GNP E . -3.22 2.72 -12.74
O2A GNP E . -5.50 1.75 -13.01
O5' GNP E . -5.05 3.38 -11.04
C5' GNP E . -6.36 3.89 -10.75
C4' GNP E . -6.55 3.65 -9.23
O4' GNP E . -6.66 2.10 -9.05
C3' GNP E . -5.50 3.99 -8.54
O3' GNP E . -5.62 5.42 -8.14
C2' GNP E . -5.54 3.10 -7.31
O2' GNP E . -6.48 3.62 -6.42
C1' GNP E . -6.05 1.80 -7.91
N9 GNP E . -5.03 0.83 -8.34
C8 GNP E . -4.12 0.77 -9.31
N7 GNP E . -3.53 -0.45 -9.19
C5 GNP E . -4.13 -1.13 -8.17
C6 GNP E . -3.92 -2.38 -7.58
O6 GNP E . -3.08 -3.18 -8.03
N1 GNP E . -4.61 -2.79 -6.52
C2 GNP E . -5.56 -1.96 -6.02
N2 GNP E . -6.21 -2.57 -4.92
N3 GNP E . -5.78 -0.69 -6.56
C4 GNP E . -5.07 -0.31 -7.63
HNB3 GNP E . -2.86 4.65 -15.27
H5'2 GNP E . -6.39 4.84 -10.95
H5'1 GNP E . -7.02 3.41 -11.27
H4' GNP E . -7.35 4.10 -8.91
H3' GNP E . -4.68 3.84 -9.04
HO3' GNP E . -6.40 5.56 -7.82
H2' GNP E . -4.66 2.99 -6.91
HO2' GNP E . -6.97 3.00 -6.13
H1' GNP E . -6.68 1.38 -7.30
H8 GNP E . -3.93 1.42 -9.95
HN1 GNP E . -4.50 -3.57 -6.19
HN21 GNP E . -5.97 -3.35 -4.65
HN22 GNP E . -6.84 -2.15 -4.50
#